data_5U93
#
_entry.id   5U93
#
_cell.length_a   100.793
_cell.length_b   100.793
_cell.length_c   95.696
_cell.angle_alpha   90.000
_cell.angle_beta   90.000
_cell.angle_gamma   90.000
#
_symmetry.space_group_name_H-M   'P 43 21 2'
#
loop_
_entity.id
_entity.type
_entity.pdbx_description
1 polymer 'HTH-type transcriptional activator RhaR'
2 non-polymer 'NICKEL (II) ION'
3 non-polymer beta-L-rhamnopyranose
4 water water
#
_entity_poly.entity_id   1
_entity_poly.type   'polypeptide(L)'
_entity_poly.pdbx_seq_one_letter_code
;(MSE)AHQLKLLKDDFFASDQQAVAVADRYPQDVFAEHTHDFCELVIVWRGNGLHVLNDRPYRITRGDLFYIHADDKHSY
ASVNDLVLQNIIYCPERLKLNLDWQGAIPGFNASAGQPHWRLGS(MSE)G(MSE)AQARQVIGQLEHESSQHVPFANE
(MSE)AELLFGQLV(MSE)LLNRHRYTSDSLPPT
;
_entity_poly.pdbx_strand_id   A,B
#
loop_
_chem_comp.id
_chem_comp.type
_chem_comp.name
_chem_comp.formula
NI non-polymer 'NICKEL (II) ION' 'Ni 2'
RM4 L-saccharide, beta linking beta-L-rhamnopyranose 'C6 H12 O5'
#
# COMPACT_ATOMS: atom_id res chain seq x y z
N LYS A 6 -26.47 8.76 -16.75
CA LYS A 6 -25.34 7.84 -16.67
C LYS A 6 -24.01 8.58 -16.65
N LEU A 7 -23.34 8.54 -15.51
CA LEU A 7 -22.04 9.17 -15.34
C LEU A 7 -20.94 8.38 -16.04
N LEU A 8 -20.03 9.10 -16.69
CA LEU A 8 -19.05 8.49 -17.58
C LEU A 8 -17.64 8.63 -17.04
N LYS A 9 -16.86 7.55 -17.13
CA LYS A 9 -15.50 7.55 -16.59
C LYS A 9 -14.65 8.61 -17.29
N ASP A 10 -14.99 8.91 -18.54
CA ASP A 10 -14.30 9.98 -19.26
C ASP A 10 -14.43 11.32 -18.55
N ASP A 11 -15.47 11.48 -17.74
CA ASP A 11 -15.69 12.74 -17.05
C ASP A 11 -15.24 12.74 -15.58
N PHE A 12 -14.83 11.57 -15.06
CA PHE A 12 -14.50 11.45 -13.65
C PHE A 12 -13.08 10.95 -13.35
N PHE A 13 -12.41 10.38 -14.35
CA PHE A 13 -11.03 9.91 -14.13
C PHE A 13 -10.06 10.85 -14.83
N ALA A 14 -8.82 10.92 -14.34
CA ALA A 14 -7.87 11.90 -14.87
C ALA A 14 -7.31 11.53 -16.25
N SER A 15 -7.37 10.25 -16.60
CA SER A 15 -6.96 9.81 -17.94
C SER A 15 -7.47 8.41 -18.19
N ASP A 16 -7.24 7.92 -19.41
CA ASP A 16 -7.67 6.59 -19.83
C ASP A 16 -6.99 5.47 -19.06
N GLN A 17 -5.83 5.73 -18.48
CA GLN A 17 -5.09 4.68 -17.78
C GLN A 17 -5.28 4.70 -16.27
N GLN A 18 -5.93 5.74 -15.75
CA GLN A 18 -6.12 5.82 -14.31
C GLN A 18 -7.24 4.87 -13.92
N ALA A 19 -6.95 3.93 -13.01
CA ALA A 19 -7.92 2.87 -12.69
C ALA A 19 -8.81 3.23 -11.50
N VAL A 20 -8.36 4.17 -10.69
CA VAL A 20 -9.04 4.50 -9.44
C VAL A 20 -8.90 5.99 -9.15
N ALA A 21 -9.93 6.57 -8.55
CA ALA A 21 -9.84 7.96 -8.13
C ALA A 21 -10.70 8.16 -6.90
N VAL A 22 -10.51 9.30 -6.24
CA VAL A 22 -11.25 9.64 -5.04
C VAL A 22 -12.06 10.89 -5.31
N ALA A 23 -13.37 10.81 -5.13
CA ALA A 23 -14.24 11.96 -5.25
C ALA A 23 -14.81 12.32 -3.88
N ASP A 24 -14.33 13.40 -3.32
CA ASP A 24 -14.81 13.88 -2.02
C ASP A 24 -16.17 14.56 -2.16
N ARG A 25 -17.07 14.25 -1.23
CA ARG A 25 -18.34 14.94 -1.16
C ARG A 25 -18.48 15.55 0.23
N TYR A 26 -18.03 16.79 0.37
CA TYR A 26 -18.01 17.53 1.64
C TYR A 26 -18.82 18.82 1.54
N PRO A 27 -20.16 18.73 1.63
CA PRO A 27 -20.95 17.51 1.83
C PRO A 27 -21.48 16.95 0.51
N GLN A 28 -22.14 15.80 0.56
CA GLN A 28 -22.92 15.28 -0.56
C GLN A 28 -24.28 15.97 -0.54
N ASP A 29 -24.59 16.68 -1.60
CA ASP A 29 -25.90 17.30 -1.73
C ASP A 29 -26.85 16.31 -2.39
N VAL A 30 -28.10 16.74 -2.52
CA VAL A 30 -29.12 15.98 -3.23
C VAL A 30 -28.61 15.68 -4.65
N PHE A 31 -28.72 14.43 -5.07
CA PHE A 31 -28.14 14.02 -6.34
C PHE A 31 -29.09 13.06 -7.06
N ALA A 32 -29.35 13.36 -8.33
CA ALA A 32 -30.38 12.64 -9.08
C ALA A 32 -30.06 11.16 -9.29
N GLU A 33 -31.11 10.37 -9.48
CA GLU A 33 -30.97 8.97 -9.84
C GLU A 33 -30.06 8.82 -11.06
N HIS A 34 -29.06 7.94 -10.94
CA HIS A 34 -28.11 7.79 -12.04
C HIS A 34 -27.47 6.42 -12.02
N THR A 35 -26.95 6.02 -13.18
CA THR A 35 -26.05 4.87 -13.27
C THR A 35 -24.69 5.39 -13.68
N HIS A 36 -23.78 4.47 -13.99
CA HIS A 36 -22.38 4.81 -14.27
C HIS A 36 -21.86 3.85 -15.33
N ASP A 37 -20.67 4.13 -15.86
CA ASP A 37 -19.93 3.09 -16.57
C ASP A 37 -18.65 2.74 -15.81
N PHE A 38 -18.63 3.10 -14.53
CA PHE A 38 -17.54 2.72 -13.63
C PHE A 38 -18.19 2.26 -12.32
N CYS A 39 -17.45 1.60 -11.44
CA CYS A 39 -18.00 1.20 -10.16
C CYS A 39 -17.52 2.16 -9.06
N GLU A 40 -18.07 2.03 -7.86
CA GLU A 40 -17.62 2.89 -6.77
C GLU A 40 -17.85 2.30 -5.38
N LEU A 41 -16.94 2.64 -4.46
CA LEU A 41 -17.11 2.35 -3.05
C LEU A 41 -17.51 3.66 -2.38
N VAL A 42 -18.52 3.61 -1.52
CA VAL A 42 -18.99 4.80 -0.81
C VAL A 42 -18.73 4.60 0.68
N ILE A 43 -18.06 5.56 1.31
CA ILE A 43 -17.82 5.50 2.76
C ILE A 43 -18.38 6.76 3.38
N VAL A 44 -19.26 6.60 4.36
CA VAL A 44 -19.84 7.76 5.03
C VAL A 44 -19.05 8.11 6.29
N TRP A 45 -18.56 9.35 6.34
CA TRP A 45 -17.71 9.83 7.43
C TRP A 45 -18.50 10.51 8.53
N ARG A 46 -19.56 11.22 8.14
CA ARG A 46 -20.43 11.85 9.13
C ARG A 46 -21.73 12.39 8.54
N GLY A 47 -22.59 12.91 9.41
CA GLY A 47 -23.90 13.40 9.01
C GLY A 47 -24.79 12.23 8.62
N ASN A 48 -25.91 12.52 7.96
CA ASN A 48 -26.81 11.46 7.49
C ASN A 48 -27.60 11.86 6.25
N GLY A 49 -28.27 10.90 5.65
CA GLY A 49 -29.05 11.17 4.45
C GLY A 49 -29.79 9.93 4.00
N LEU A 50 -30.59 10.08 2.96
CA LEU A 50 -31.30 8.94 2.39
C LEU A 50 -30.62 8.50 1.10
N HIS A 51 -30.03 7.31 1.11
CA HIS A 51 -29.44 6.74 -0.07
C HIS A 51 -30.43 5.73 -0.66
N VAL A 52 -30.93 6.03 -1.84
CA VAL A 52 -31.85 5.11 -2.52
C VAL A 52 -31.11 4.32 -3.57
N LEU A 53 -30.95 3.03 -3.32
CA LEU A 53 -30.16 2.16 -4.18
C LEU A 53 -31.07 1.11 -4.81
N ASN A 54 -31.18 1.14 -6.13
CA ASN A 54 -32.07 0.25 -6.86
C ASN A 54 -33.46 0.21 -6.21
N ASP A 55 -33.98 1.40 -5.94
CA ASP A 55 -35.32 1.62 -5.34
C ASP A 55 -35.47 1.22 -3.87
N ARG A 56 -34.37 0.85 -3.22
CA ARG A 56 -34.40 0.55 -1.79
C ARG A 56 -33.79 1.70 -0.98
N PRO A 57 -34.54 2.27 -0.05
CA PRO A 57 -34.06 3.40 0.75
C PRO A 57 -33.14 2.98 1.90
N TYR A 58 -32.04 3.70 2.08
CA TYR A 58 -31.14 3.48 3.21
C TYR A 58 -30.93 4.79 3.96
N ARG A 59 -31.21 4.78 5.25
CA ARG A 59 -30.87 5.91 6.11
C ARG A 59 -29.39 5.77 6.46
N ILE A 60 -28.53 6.51 5.79
CA ILE A 60 -27.10 6.29 5.95
C ILE A 60 -26.45 7.23 6.95
N THR A 61 -25.33 6.78 7.53
CA THR A 61 -24.72 7.50 8.63
C THR A 61 -23.26 7.07 8.77
N ARG A 62 -22.50 7.78 9.61
CA ARG A 62 -21.08 7.51 9.81
C ARG A 62 -20.84 6.02 10.03
N GLY A 63 -19.85 5.47 9.33
CA GLY A 63 -19.55 4.05 9.43
C GLY A 63 -20.16 3.20 8.32
N ASP A 64 -21.11 3.74 7.56
CA ASP A 64 -21.70 2.98 6.45
C ASP A 64 -20.75 2.84 5.27
N LEU A 65 -20.74 1.65 4.69
CA LEU A 65 -19.96 1.33 3.51
C LEU A 65 -20.89 0.73 2.47
N PHE A 66 -20.87 1.28 1.26
CA PHE A 66 -21.66 0.73 0.16
C PHE A 66 -20.78 0.31 -1.00
N TYR A 67 -21.07 -0.85 -1.55
CA TYR A 67 -20.39 -1.33 -2.76
C TYR A 67 -21.36 -1.17 -3.91
N ILE A 68 -21.00 -0.32 -4.87
CA ILE A 68 -21.88 0.03 -5.98
C ILE A 68 -21.32 -0.46 -7.29
N HIS A 69 -22.14 -1.14 -8.08
CA HIS A 69 -21.73 -1.56 -9.40
C HIS A 69 -22.15 -0.49 -10.40
N ALA A 70 -21.46 -0.45 -11.54
CA ALA A 70 -21.74 0.51 -12.59
C ALA A 70 -23.23 0.63 -12.91
N ASP A 71 -23.89 -0.52 -13.07
CA ASP A 71 -25.28 -0.54 -13.52
C ASP A 71 -26.31 -0.31 -12.41
N ASP A 72 -25.87 -0.22 -11.17
CA ASP A 72 -26.78 0.13 -10.09
C ASP A 72 -27.29 1.55 -10.34
N LYS A 73 -28.58 1.75 -10.13
CA LYS A 73 -29.13 3.10 -10.18
C LYS A 73 -29.35 3.60 -8.74
N HIS A 74 -28.82 4.77 -8.45
CA HIS A 74 -28.91 5.27 -7.08
C HIS A 74 -28.94 6.78 -7.02
N SER A 75 -29.32 7.29 -5.85
CA SER A 75 -29.50 8.72 -5.64
C SER A 75 -29.35 9.08 -4.17
N TYR A 76 -29.18 10.37 -3.91
CA TYR A 76 -29.12 10.89 -2.55
C TYR A 76 -30.18 11.96 -2.39
N ALA A 77 -30.95 11.85 -1.32
CA ALA A 77 -32.02 12.79 -1.02
C ALA A 77 -32.09 12.97 0.50
N SER A 78 -32.81 14.00 0.94
CA SER A 78 -33.04 14.25 2.36
C SER A 78 -31.73 14.24 3.17
N VAL A 79 -30.75 14.97 2.67
CA VAL A 79 -29.40 14.95 3.24
C VAL A 79 -29.26 15.95 4.38
N ASN A 80 -28.39 15.63 5.34
CA ASN A 80 -28.14 16.53 6.48
C ASN A 80 -26.65 16.55 6.81
N ASP A 81 -25.92 17.49 6.22
CA ASP A 81 -24.48 17.60 6.43
C ASP A 81 -23.81 16.26 6.19
N LEU A 82 -24.23 15.60 5.12
CA LEU A 82 -23.78 14.26 4.80
C LEU A 82 -22.37 14.33 4.22
N VAL A 83 -21.40 13.76 4.92
CA VAL A 83 -20.02 13.81 4.46
C VAL A 83 -19.59 12.41 4.04
N LEU A 84 -19.26 12.26 2.75
CA LEU A 84 -18.85 10.95 2.27
C LEU A 84 -17.73 11.05 1.24
N GLN A 85 -17.16 9.91 0.90
CA GLN A 85 -16.21 9.84 -0.19
C GLN A 85 -16.62 8.73 -1.12
N ASN A 86 -16.48 8.98 -2.40
CA ASN A 86 -16.62 7.92 -3.39
C ASN A 86 -15.24 7.52 -3.85
N ILE A 87 -14.95 6.24 -3.73
CA ILE A 87 -13.74 5.73 -4.33
C ILE A 87 -14.19 5.05 -5.60
N ILE A 88 -13.96 5.73 -6.71
CA ILE A 88 -14.45 5.25 -8.00
C ILE A 88 -13.34 4.46 -8.70
N TYR A 89 -13.73 3.42 -9.43
CA TYR A 89 -12.73 2.58 -10.07
C TYR A 89 -13.30 1.93 -11.33
N CYS A 90 -12.42 1.56 -12.24
CA CYS A 90 -12.78 0.87 -13.46
C CYS A 90 -12.18 -0.52 -13.43
N PRO A 91 -13.01 -1.55 -13.17
CA PRO A 91 -12.55 -2.94 -13.07
C PRO A 91 -11.61 -3.32 -14.22
N GLU A 92 -11.97 -2.95 -15.45
CA GLU A 92 -11.18 -3.32 -16.63
C GLU A 92 -9.80 -2.67 -16.70
N ARG A 93 -9.55 -1.66 -15.88
CA ARG A 93 -8.26 -0.98 -15.88
C ARG A 93 -7.29 -1.48 -14.80
N LEU A 94 -7.76 -2.31 -13.87
CA LEU A 94 -6.93 -2.82 -12.79
C LEU A 94 -5.95 -3.86 -13.34
N LYS A 95 -4.68 -3.75 -12.96
CA LYS A 95 -3.64 -4.65 -13.47
C LYS A 95 -3.10 -5.62 -12.42
N LEU A 96 -3.23 -5.26 -11.15
CA LEU A 96 -2.68 -6.11 -10.09
C LEU A 96 -3.41 -7.44 -9.98
N ASN A 97 -2.69 -8.52 -9.67
CA ASN A 97 -3.31 -9.83 -9.52
C ASN A 97 -3.91 -10.11 -8.13
N LEU A 98 -4.66 -9.17 -7.58
CA LEU A 98 -5.47 -9.46 -6.37
C LEU A 98 -6.79 -10.03 -6.87
N ASP A 99 -7.50 -10.76 -6.01
CA ASP A 99 -8.78 -11.32 -6.46
C ASP A 99 -9.84 -10.28 -6.20
N TRP A 100 -9.87 -9.28 -7.08
CA TRP A 100 -10.79 -8.15 -6.91
C TRP A 100 -12.23 -8.62 -6.74
N GLN A 101 -12.66 -9.50 -7.64
CA GLN A 101 -14.04 -10.01 -7.59
C GLN A 101 -14.38 -10.75 -6.30
N GLY A 102 -13.38 -11.37 -5.69
CA GLY A 102 -13.57 -12.06 -4.43
C GLY A 102 -13.68 -11.12 -3.23
N ALA A 103 -13.11 -9.93 -3.34
CA ALA A 103 -13.02 -9.01 -2.22
C ALA A 103 -13.99 -7.84 -2.33
N ILE A 104 -14.60 -7.68 -3.50
CA ILE A 104 -15.46 -6.52 -3.76
C ILE A 104 -16.84 -6.98 -4.20
N PRO A 105 -17.81 -6.89 -3.28
CA PRO A 105 -19.20 -7.08 -3.73
C PRO A 105 -19.52 -6.04 -4.81
N GLY A 106 -20.26 -6.41 -5.84
CA GLY A 106 -20.58 -5.46 -6.88
C GLY A 106 -19.48 -5.18 -7.90
N PHE A 107 -18.52 -6.11 -8.03
CA PHE A 107 -17.43 -5.94 -8.98
C PHE A 107 -17.87 -6.14 -10.43
N ASN A 108 -18.59 -7.24 -10.68
CA ASN A 108 -19.08 -7.59 -12.02
C ASN A 108 -20.60 -7.53 -12.23
N ALA A 109 -21.35 -7.27 -11.16
CA ALA A 109 -22.81 -7.13 -11.23
C ALA A 109 -23.26 -6.56 -9.89
N SER A 110 -24.54 -6.20 -9.74
CA SER A 110 -25.01 -5.65 -8.47
C SER A 110 -24.61 -6.54 -7.28
N ALA A 111 -24.24 -5.93 -6.16
CA ALA A 111 -23.82 -6.70 -4.99
C ALA A 111 -24.99 -7.48 -4.39
N GLY A 112 -24.72 -8.69 -3.93
CA GLY A 112 -25.71 -9.44 -3.19
C GLY A 112 -26.05 -8.66 -1.94
N GLN A 113 -25.01 -8.20 -1.26
CA GLN A 113 -25.15 -7.30 -0.11
C GLN A 113 -24.33 -6.06 -0.39
N PRO A 114 -25.01 -4.96 -0.75
CA PRO A 114 -24.29 -3.72 -1.04
C PRO A 114 -23.89 -2.97 0.23
N HIS A 115 -24.59 -3.22 1.34
CA HIS A 115 -24.43 -2.40 2.54
C HIS A 115 -23.70 -3.07 3.69
N TRP A 116 -22.65 -2.41 4.18
CA TRP A 116 -21.83 -2.92 5.27
C TRP A 116 -21.54 -1.79 6.25
N ARG A 117 -20.91 -2.13 7.37
CA ARG A 117 -20.44 -1.13 8.31
C ARG A 117 -18.99 -1.34 8.70
N LEU A 118 -18.34 -0.27 9.15
CA LEU A 118 -16.96 -0.29 9.64
C LEU A 118 -16.92 0.28 11.05
N GLY A 119 -16.10 -0.33 11.92
CA GLY A 119 -15.88 0.20 13.25
C GLY A 119 -14.75 1.21 13.23
N SER A 120 -14.37 1.71 14.40
CA SER A 120 -13.35 2.75 14.52
C SER A 120 -12.02 2.34 13.89
N MSE A 121 -11.60 1.10 14.12
CA MSE A 121 -10.35 0.62 13.54
C MSE A 121 -10.39 0.59 12.04
O MSE A 121 -9.44 1.00 11.37
CB MSE A 121 -9.93 -0.75 14.11
CG MSE A 121 -9.42 -0.67 15.53
SE MSE A 121 -10.82 -0.60 16.89
CE MSE A 121 -10.97 -2.51 17.29
N GLY A 122 -11.51 0.10 11.50
CA GLY A 122 -11.67 0.07 10.05
C GLY A 122 -11.63 1.46 9.45
N MSE A 123 -12.32 2.40 10.08
CA MSE A 123 -12.35 3.78 9.59
C MSE A 123 -10.97 4.43 9.67
O MSE A 123 -10.58 5.18 8.77
CB MSE A 123 -13.36 4.61 10.38
CG MSE A 123 -14.77 4.05 10.30
SE MSE A 123 -15.62 4.52 8.61
CE MSE A 123 -16.37 6.15 9.36
N ALA A 124 -10.24 4.14 10.74
CA ALA A 124 -8.89 4.67 10.90
C ALA A 124 -8.01 4.20 9.75
N GLN A 125 -8.04 2.91 9.46
CA GLN A 125 -7.19 2.37 8.40
C GLN A 125 -7.62 2.88 7.02
N ALA A 126 -8.93 2.97 6.79
CA ALA A 126 -9.43 3.50 5.52
C ALA A 126 -9.03 4.96 5.34
N ARG A 127 -9.14 5.73 6.41
CA ARG A 127 -8.81 7.15 6.33
C ARG A 127 -7.36 7.33 5.92
N GLN A 128 -6.50 6.53 6.50
CA GLN A 128 -5.06 6.64 6.25
C GLN A 128 -4.75 6.25 4.81
N VAL A 129 -5.35 5.15 4.33
CA VAL A 129 -5.07 4.71 2.97
C VAL A 129 -5.68 5.65 1.93
N ILE A 130 -6.88 6.11 2.20
CA ILE A 130 -7.54 7.03 1.25
C ILE A 130 -6.82 8.36 1.14
N GLY A 131 -6.26 8.85 2.25
CA GLY A 131 -5.52 10.08 2.22
C GLY A 131 -4.28 9.98 1.33
N GLN A 132 -3.62 8.83 1.37
CA GLN A 132 -2.46 8.61 0.52
C GLN A 132 -2.93 8.47 -0.94
N LEU A 133 -4.01 7.73 -1.13
CA LEU A 133 -4.58 7.52 -2.47
C LEU A 133 -4.97 8.85 -3.14
N GLU A 134 -5.58 9.76 -2.37
CA GLU A 134 -5.87 11.11 -2.88
C GLU A 134 -4.63 11.82 -3.40
N HIS A 135 -3.51 11.62 -2.74
CA HIS A 135 -2.27 12.28 -3.11
C HIS A 135 -1.65 11.74 -4.41
N GLU A 136 -2.08 10.55 -4.83
CA GLU A 136 -1.45 9.93 -6.00
C GLU A 136 -2.21 10.15 -7.31
N SER A 137 -2.97 11.24 -7.40
CA SER A 137 -3.83 11.47 -8.55
C SER A 137 -3.11 12.05 -9.80
N SER A 138 -1.95 12.65 -9.61
CA SER A 138 -1.24 13.30 -10.73
C SER A 138 -0.90 12.36 -11.90
N GLN A 139 -1.25 12.78 -13.12
CA GLN A 139 -0.94 11.98 -14.30
C GLN A 139 0.42 12.35 -14.89
N HIS A 140 1.19 13.12 -14.14
CA HIS A 140 2.50 13.56 -14.61
C HIS A 140 3.64 13.01 -13.78
N VAL A 141 3.34 12.62 -12.53
CA VAL A 141 4.31 11.96 -11.67
C VAL A 141 4.48 10.51 -12.08
N PRO A 142 5.71 10.11 -12.47
CA PRO A 142 6.00 8.75 -12.94
C PRO A 142 5.41 7.63 -12.05
N PHE A 143 4.64 6.74 -12.68
CA PHE A 143 4.06 5.56 -12.03
C PHE A 143 3.11 5.87 -10.86
N ALA A 144 2.61 7.10 -10.78
CA ALA A 144 1.58 7.43 -9.80
C ALA A 144 0.36 6.50 -9.92
N ASN A 145 0.04 6.09 -11.15
CA ASN A 145 -1.12 5.20 -11.34
C ASN A 145 -0.91 3.82 -10.75
N GLU A 146 0.31 3.30 -10.85
CA GLU A 146 0.64 2.02 -10.22
C GLU A 146 0.63 2.15 -8.69
N MSE A 147 1.16 3.24 -8.18
CA MSE A 147 1.12 3.51 -6.73
C MSE A 147 -0.32 3.61 -6.25
O MSE A 147 -0.68 3.07 -5.20
CB MSE A 147 1.84 4.81 -6.40
CG MSE A 147 1.81 5.12 -4.94
SE MSE A 147 3.29 4.20 -4.06
CE MSE A 147 4.71 5.37 -4.70
N ALA A 148 -1.15 4.32 -7.02
CA ALA A 148 -2.57 4.43 -6.69
C ALA A 148 -3.24 3.06 -6.68
N GLU A 149 -2.91 2.20 -7.64
CA GLU A 149 -3.54 0.87 -7.64
C GLU A 149 -3.12 0.02 -6.42
N LEU A 150 -1.86 0.13 -6.01
CA LEU A 150 -1.42 -0.58 -4.80
C LEU A 150 -2.19 -0.10 -3.57
N LEU A 151 -2.39 1.21 -3.47
CA LEU A 151 -3.18 1.76 -2.35
C LEU A 151 -4.64 1.35 -2.41
N PHE A 152 -5.22 1.32 -3.61
CA PHE A 152 -6.59 0.82 -3.77
C PHE A 152 -6.66 -0.65 -3.33
N GLY A 153 -5.65 -1.42 -3.70
CA GLY A 153 -5.57 -2.80 -3.25
C GLY A 153 -5.55 -2.90 -1.72
N GLN A 154 -4.75 -2.05 -1.08
CA GLN A 154 -4.71 -2.01 0.39
C GLN A 154 -6.09 -1.65 0.97
N LEU A 155 -6.75 -0.68 0.36
CA LEU A 155 -8.07 -0.26 0.84
C LEU A 155 -9.05 -1.41 0.73
N VAL A 156 -9.08 -2.06 -0.43
CA VAL A 156 -10.00 -3.18 -0.66
C VAL A 156 -9.79 -4.35 0.33
N MSE A 157 -8.53 -4.71 0.62
CA MSE A 157 -8.22 -5.74 1.61
C MSE A 157 -8.65 -5.31 3.02
O MSE A 157 -9.21 -6.11 3.77
CB MSE A 157 -6.71 -6.07 1.67
CG MSE A 157 -6.06 -6.59 0.41
SE MSE A 157 -6.62 -8.42 -0.03
CE MSE A 157 -8.02 -7.92 -1.16
N LEU A 158 -8.36 -4.08 3.37
CA LEU A 158 -8.70 -3.57 4.71
C LEU A 158 -10.21 -3.53 4.91
N LEU A 159 -10.93 -3.10 3.87
CA LEU A 159 -12.39 -3.11 3.97
C LEU A 159 -12.91 -4.55 4.16
N ASN A 160 -12.31 -5.50 3.46
CA ASN A 160 -12.75 -6.91 3.60
C ASN A 160 -12.41 -7.39 5.00
N ARG A 161 -11.27 -6.92 5.52
CA ARG A 161 -10.84 -7.29 6.86
C ARG A 161 -11.80 -6.79 7.96
N HIS A 162 -12.26 -5.55 7.79
CA HIS A 162 -12.94 -4.81 8.86
C HIS A 162 -14.45 -4.75 8.75
N ARG A 163 -15.01 -4.98 7.56
CA ARG A 163 -16.43 -4.72 7.36
C ARG A 163 -17.31 -5.74 8.07
N TYR A 164 -18.51 -5.34 8.43
CA TYR A 164 -19.48 -6.28 8.99
C TYR A 164 -20.89 -5.92 8.54
N THR A 165 -21.84 -6.83 8.73
CA THR A 165 -23.23 -6.51 8.39
C THR A 165 -23.97 -5.86 9.57
N LEU B 5 29.94 -17.62 7.02
CA LEU B 5 28.64 -17.40 7.65
C LEU B 5 27.58 -17.02 6.61
N LYS B 6 26.50 -17.78 6.58
CA LYS B 6 25.37 -17.51 5.69
C LYS B 6 24.05 -17.52 6.45
N LEU B 7 23.37 -16.37 6.49
CA LEU B 7 22.08 -16.26 7.16
C LEU B 7 20.96 -16.88 6.34
N LEU B 8 20.10 -17.66 6.99
CA LEU B 8 19.12 -18.48 6.30
C LEU B 8 17.70 -17.97 6.54
N LYS B 9 16.88 -17.96 5.49
CA LYS B 9 15.52 -17.47 5.60
C LYS B 9 14.70 -18.32 6.57
N ASP B 10 15.05 -19.59 6.69
CA ASP B 10 14.38 -20.48 7.63
C ASP B 10 14.46 -19.95 9.05
N ASP B 11 15.52 -19.20 9.34
CA ASP B 11 15.74 -18.63 10.66
C ASP B 11 15.17 -17.22 10.83
N PHE B 12 15.13 -16.46 9.74
CA PHE B 12 14.75 -15.04 9.85
C PHE B 12 13.31 -14.73 9.44
N PHE B 13 12.64 -15.67 8.77
CA PHE B 13 11.25 -15.47 8.39
C PHE B 13 10.36 -16.34 9.28
N ALA B 14 9.14 -15.86 9.52
CA ALA B 14 8.19 -16.56 10.38
C ALA B 14 7.77 -17.91 9.80
N SER B 15 7.44 -17.93 8.52
CA SER B 15 6.99 -19.15 7.87
C SER B 15 7.51 -19.26 6.44
N ASP B 16 7.09 -20.31 5.75
CA ASP B 16 7.48 -20.50 4.35
C ASP B 16 6.65 -19.61 3.44
N GLN B 17 5.59 -19.02 3.98
CA GLN B 17 4.67 -18.22 3.18
C GLN B 17 5.03 -16.75 3.24
N GLN B 18 5.83 -16.37 4.24
CA GLN B 18 6.22 -14.99 4.41
C GLN B 18 7.26 -14.58 3.37
N ALA B 19 6.95 -13.55 2.59
CA ALA B 19 7.82 -13.11 1.50
C ALA B 19 8.70 -11.95 1.95
N VAL B 20 8.26 -11.23 2.97
CA VAL B 20 8.90 -10.01 3.39
C VAL B 20 8.74 -9.86 4.89
N ALA B 21 9.79 -9.37 5.53
CA ALA B 21 9.75 -9.13 6.95
C ALA B 21 10.61 -7.91 7.29
N VAL B 22 10.46 -7.42 8.51
CA VAL B 22 11.20 -6.23 8.95
C VAL B 22 11.99 -6.63 10.17
N ALA B 23 13.31 -6.43 10.10
CA ALA B 23 14.19 -6.70 11.23
C ALA B 23 14.79 -5.39 11.76
N ASP B 24 14.42 -5.03 12.98
CA ASP B 24 14.85 -3.77 13.59
C ASP B 24 16.25 -3.90 14.18
N ARG B 25 17.10 -2.92 13.91
CA ARG B 25 18.42 -2.88 14.53
C ARG B 25 18.56 -1.60 15.35
N TYR B 26 18.09 -1.66 16.59
CA TYR B 26 18.04 -0.50 17.48
C TYR B 26 18.87 -0.73 18.74
N PRO B 27 20.20 -0.56 18.66
CA PRO B 27 20.97 -0.22 17.46
C PRO B 27 21.54 -1.46 16.77
N GLN B 28 22.23 -1.26 15.65
CA GLN B 28 22.94 -2.33 14.97
C GLN B 28 24.29 -2.58 15.64
N ASP B 29 24.45 -3.74 16.27
CA ASP B 29 25.74 -4.10 16.84
C ASP B 29 26.72 -4.43 15.71
N VAL B 30 28.01 -4.50 16.04
CA VAL B 30 29.00 -5.01 15.10
C VAL B 30 28.55 -6.39 14.62
N PHE B 31 28.71 -6.66 13.34
CA PHE B 31 28.20 -7.91 12.79
C PHE B 31 29.16 -8.42 11.72
N ALA B 32 29.59 -9.67 11.87
CA ALA B 32 30.63 -10.23 11.02
C ALA B 32 30.22 -10.34 9.55
N GLU B 33 31.21 -10.53 8.69
CA GLU B 33 31.00 -10.72 7.27
C GLU B 33 30.06 -11.91 7.05
N HIS B 34 29.06 -11.74 6.18
CA HIS B 34 28.09 -12.79 5.96
C HIS B 34 27.39 -12.64 4.62
N THR B 35 26.78 -13.73 4.17
CA THR B 35 25.90 -13.71 3.03
C THR B 35 24.56 -14.16 3.56
N HIS B 36 23.59 -14.33 2.66
CA HIS B 36 22.25 -14.75 3.05
C HIS B 36 21.72 -15.61 1.93
N ASP B 37 20.54 -16.20 2.13
CA ASP B 37 19.80 -16.75 1.01
C ASP B 37 18.50 -15.96 0.80
N PHE B 38 18.51 -14.73 1.29
CA PHE B 38 17.42 -13.78 1.06
C PHE B 38 18.04 -12.41 0.77
N CYS B 39 17.26 -11.50 0.19
CA CYS B 39 17.76 -10.15 -0.09
C CYS B 39 17.34 -9.20 1.04
N GLU B 40 17.91 -7.99 1.05
CA GLU B 40 17.45 -7.03 2.05
C GLU B 40 17.65 -5.59 1.59
N LEU B 41 16.74 -4.73 2.04
CA LEU B 41 16.91 -3.29 1.93
C LEU B 41 17.38 -2.80 3.28
N VAL B 42 18.38 -1.92 3.28
CA VAL B 42 18.88 -1.36 4.53
C VAL B 42 18.63 0.13 4.55
N ILE B 43 17.90 0.60 5.56
CA ILE B 43 17.68 2.03 5.72
C ILE B 43 18.18 2.50 7.07
N VAL B 44 19.03 3.53 7.06
CA VAL B 44 19.65 4.04 8.28
C VAL B 44 18.89 5.26 8.79
N TRP B 45 18.40 5.17 10.03
CA TRP B 45 17.55 6.21 10.60
C TRP B 45 18.35 7.22 11.42
N ARG B 46 19.39 6.75 12.10
CA ARG B 46 20.24 7.64 12.89
C ARG B 46 21.56 7.00 13.33
N GLY B 47 22.45 7.83 13.84
CA GLY B 47 23.75 7.37 14.28
C GLY B 47 24.69 7.22 13.08
N ASN B 48 25.75 6.46 13.25
CA ASN B 48 26.71 6.29 12.18
C ASN B 48 27.52 5.02 12.37
N GLY B 49 28.07 4.50 11.29
CA GLY B 49 28.95 3.35 11.40
C GLY B 49 29.68 3.07 10.11
N LEU B 50 30.26 1.88 10.02
CA LEU B 50 30.98 1.46 8.83
C LEU B 50 30.36 0.19 8.27
N HIS B 51 29.96 0.24 7.01
CA HIS B 51 29.31 -0.87 6.35
C HIS B 51 30.22 -1.33 5.24
N VAL B 52 30.70 -2.56 5.31
CA VAL B 52 31.63 -3.05 4.29
C VAL B 52 30.88 -4.05 3.40
N LEU B 53 30.74 -3.69 2.14
CA LEU B 53 29.92 -4.46 1.22
C LEU B 53 30.74 -4.93 0.03
N ASN B 54 30.88 -6.24 -0.11
CA ASN B 54 31.74 -6.85 -1.10
C ASN B 54 33.12 -6.21 -1.05
N ASP B 55 33.65 -6.09 0.17
CA ASP B 55 34.99 -5.54 0.45
C ASP B 55 35.17 -4.04 0.16
N ARG B 56 34.09 -3.35 -0.17
CA ARG B 56 34.12 -1.91 -0.31
C ARG B 56 33.48 -1.27 0.93
N PRO B 57 34.25 -0.43 1.63
CA PRO B 57 33.82 0.19 2.88
C PRO B 57 32.96 1.43 2.65
N TYR B 58 31.86 1.51 3.39
CA TYR B 58 30.95 2.65 3.34
C TYR B 58 30.78 3.24 4.72
N ARG B 59 31.20 4.50 4.90
CA ARG B 59 30.84 5.23 6.12
C ARG B 59 29.38 5.62 6.01
N ILE B 60 28.55 5.15 6.93
CA ILE B 60 27.10 5.34 6.80
C ILE B 60 26.48 6.16 7.94
N THR B 61 25.33 6.77 7.67
CA THR B 61 24.65 7.62 8.64
C THR B 61 23.21 7.80 8.19
N ARG B 62 22.45 8.58 8.95
CA ARG B 62 21.05 8.88 8.64
C ARG B 62 20.86 9.19 7.16
N GLY B 63 19.93 8.50 6.53
CA GLY B 63 19.57 8.79 5.16
C GLY B 63 20.17 7.84 4.14
N ASP B 64 21.07 6.97 4.58
CA ASP B 64 21.66 6.00 3.66
C ASP B 64 20.70 4.85 3.39
N LEU B 65 20.70 4.38 2.14
CA LEU B 65 19.85 3.30 1.69
C LEU B 65 20.71 2.31 0.91
N PHE B 66 20.63 1.03 1.27
CA PHE B 66 21.39 0.01 0.55
C PHE B 66 20.48 -1.09 0.05
N TYR B 67 20.68 -1.47 -1.22
CA TYR B 67 20.00 -2.60 -1.83
C TYR B 67 20.95 -3.78 -1.83
N ILE B 68 20.62 -4.80 -1.05
CA ILE B 68 21.53 -5.91 -0.85
C ILE B 68 20.97 -7.18 -1.47
N HIS B 69 21.80 -7.87 -2.25
CA HIS B 69 21.38 -9.13 -2.84
C HIS B 69 21.85 -10.26 -1.95
N ALA B 70 21.16 -11.40 -2.04
CA ALA B 70 21.51 -12.58 -1.24
C ALA B 70 22.99 -12.91 -1.29
N ASP B 71 23.57 -12.91 -2.50
CA ASP B 71 24.96 -13.29 -2.69
C ASP B 71 25.97 -12.24 -2.24
N ASP B 72 25.49 -11.04 -1.93
CA ASP B 72 26.36 -10.01 -1.40
C ASP B 72 26.99 -10.44 -0.09
N LYS B 73 28.27 -10.12 0.10
CA LYS B 73 28.93 -10.36 1.35
C LYS B 73 29.18 -9.04 2.04
N HIS B 74 28.64 -8.87 3.23
CA HIS B 74 28.80 -7.60 3.92
C HIS B 74 28.85 -7.70 5.44
N SER B 75 29.25 -6.61 6.07
CA SER B 75 29.39 -6.58 7.51
C SER B 75 29.23 -5.15 8.01
N TYR B 76 28.93 -5.03 9.29
CA TYR B 76 29.04 -3.74 9.97
C TYR B 76 30.29 -3.76 10.87
N ALA B 77 31.39 -3.21 10.35
CA ALA B 77 32.71 -3.30 11.00
C ALA B 77 32.88 -2.44 12.25
N SER B 78 32.33 -1.24 12.23
CA SER B 78 32.24 -0.43 13.44
C SER B 78 30.91 0.34 13.47
N VAL B 79 30.51 0.78 14.66
CA VAL B 79 29.14 1.24 14.91
C VAL B 79 29.08 2.25 16.04
N ASN B 80 28.26 3.29 15.87
CA ASN B 80 28.08 4.30 16.90
C ASN B 80 26.60 4.66 17.08
N ASP B 81 25.92 3.94 17.96
CA ASP B 81 24.47 4.09 18.13
C ASP B 81 23.76 4.05 16.78
N LEU B 82 24.21 3.14 15.92
CA LEU B 82 23.71 3.02 14.55
C LEU B 82 22.31 2.42 14.53
N VAL B 83 21.32 3.20 14.12
CA VAL B 83 19.95 2.74 14.14
C VAL B 83 19.46 2.50 12.73
N LEU B 84 19.12 1.26 12.42
CA LEU B 84 18.65 0.98 11.08
C LEU B 84 17.57 -0.10 11.10
N GLN B 85 16.88 -0.24 9.98
CA GLN B 85 15.98 -1.38 9.78
C GLN B 85 16.39 -2.14 8.53
N ASN B 86 16.34 -3.46 8.63
CA ASN B 86 16.47 -4.31 7.46
C ASN B 86 15.09 -4.75 7.03
N ILE B 87 14.75 -4.48 5.78
CA ILE B 87 13.53 -5.02 5.22
C ILE B 87 13.99 -6.22 4.41
N ILE B 88 13.82 -7.39 4.99
CA ILE B 88 14.29 -8.63 4.37
C ILE B 88 13.19 -9.19 3.49
N TYR B 89 13.59 -9.76 2.36
CA TYR B 89 12.61 -10.30 1.44
C TYR B 89 13.18 -11.43 0.61
N CYS B 90 12.28 -12.28 0.13
CA CYS B 90 12.63 -13.43 -0.69
C CYS B 90 11.99 -13.24 -2.05
N PRO B 91 12.79 -12.92 -3.07
CA PRO B 91 12.28 -12.64 -4.43
C PRO B 91 11.40 -13.78 -4.92
N GLU B 92 11.78 -15.01 -4.58
CA GLU B 92 11.08 -16.19 -5.07
C GLU B 92 9.69 -16.38 -4.46
N ARG B 93 9.42 -15.70 -3.34
CA ARG B 93 8.18 -15.86 -2.60
C ARG B 93 7.15 -14.75 -2.88
N LEU B 94 7.59 -13.70 -3.56
CA LEU B 94 6.68 -12.58 -3.85
C LEU B 94 5.63 -13.01 -4.88
N LYS B 95 4.35 -12.85 -4.53
CA LYS B 95 3.25 -13.36 -5.37
C LYS B 95 2.55 -12.28 -6.18
N LEU B 96 2.67 -11.02 -5.75
CA LEU B 96 2.07 -9.91 -6.47
C LEU B 96 2.80 -9.69 -7.79
N ASN B 97 2.04 -9.41 -8.85
CA ASN B 97 2.59 -9.29 -10.21
C ASN B 97 3.23 -7.93 -10.52
N LEU B 98 3.87 -7.34 -9.51
CA LEU B 98 4.59 -6.09 -9.68
C LEU B 98 5.87 -6.27 -10.47
N ASP B 99 6.32 -5.20 -11.13
CA ASP B 99 7.63 -5.24 -11.78
C ASP B 99 8.70 -4.99 -10.72
N TRP B 100 8.92 -5.99 -9.87
CA TRP B 100 9.79 -5.86 -8.72
C TRP B 100 11.22 -5.50 -9.16
N GLN B 101 11.69 -6.22 -10.17
CA GLN B 101 12.99 -6.03 -10.80
C GLN B 101 13.24 -4.58 -11.24
N GLY B 102 12.20 -3.90 -11.72
CA GLY B 102 12.36 -2.55 -12.23
C GLY B 102 12.55 -1.51 -11.14
N ALA B 103 12.12 -1.84 -9.93
CA ALA B 103 12.16 -0.88 -8.83
C ALA B 103 13.24 -1.20 -7.79
N ILE B 104 13.73 -2.45 -7.78
CA ILE B 104 14.71 -2.88 -6.78
C ILE B 104 16.07 -3.28 -7.37
N PRO B 105 17.08 -2.39 -7.29
CA PRO B 105 18.45 -2.86 -7.57
C PRO B 105 18.80 -4.03 -6.65
N GLY B 106 19.58 -4.99 -7.13
CA GLY B 106 19.96 -6.11 -6.29
C GLY B 106 18.91 -7.20 -6.18
N PHE B 107 17.88 -7.14 -7.02
CA PHE B 107 16.79 -8.11 -6.97
C PHE B 107 17.23 -9.50 -7.47
N ASN B 108 17.88 -9.55 -8.62
CA ASN B 108 18.28 -10.82 -9.24
C ASN B 108 19.78 -11.11 -9.11
N ALA B 109 20.55 -10.07 -8.80
CA ALA B 109 21.99 -10.19 -8.61
C ALA B 109 22.45 -8.92 -7.91
N SER B 110 23.71 -8.87 -7.50
CA SER B 110 24.22 -7.71 -6.77
C SER B 110 23.98 -6.43 -7.56
N ALA B 111 23.58 -5.36 -6.87
CA ALA B 111 23.23 -4.11 -7.53
C ALA B 111 24.43 -3.42 -8.18
N GLY B 112 24.18 -2.81 -9.35
CA GLY B 112 25.19 -1.99 -10.01
C GLY B 112 25.51 -0.80 -9.13
N GLN B 113 24.47 -0.20 -8.57
CA GLN B 113 24.64 0.82 -7.54
C GLN B 113 23.82 0.45 -6.31
N PRO B 114 24.49 -0.11 -5.30
CA PRO B 114 23.81 -0.56 -4.07
C PRO B 114 23.46 0.59 -3.13
N HIS B 115 24.16 1.72 -3.25
CA HIS B 115 24.08 2.78 -2.25
C HIS B 115 23.40 4.07 -2.75
N TRP B 116 22.32 4.44 -2.07
CA TRP B 116 21.54 5.61 -2.40
C TRP B 116 21.31 6.42 -1.15
N ARG B 117 20.75 7.62 -1.29
CA ARG B 117 20.34 8.39 -0.13
C ARG B 117 18.92 8.86 -0.30
N LEU B 118 18.26 9.15 0.81
CA LEU B 118 16.93 9.73 0.82
C LEU B 118 16.95 11.03 1.60
N GLY B 119 16.21 12.01 1.12
CA GLY B 119 16.04 13.26 1.84
C GLY B 119 14.88 13.19 2.82
N SER B 120 14.64 14.31 3.48
CA SER B 120 13.64 14.42 4.55
C SER B 120 12.26 13.88 4.20
N MSE B 121 11.78 14.20 3.00
CA MSE B 121 10.46 13.77 2.57
C MSE B 121 10.41 12.26 2.38
O MSE B 121 9.49 11.59 2.85
CB MSE B 121 10.10 14.47 1.26
CG MSE B 121 8.93 13.84 0.55
SE MSE B 121 7.25 14.24 1.45
CE MSE B 121 7.34 16.18 1.29
N GLY B 122 11.40 11.75 1.67
CA GLY B 122 11.47 10.33 1.39
C GLY B 122 11.56 9.52 2.67
N MSE B 123 12.35 10.01 3.62
CA MSE B 123 12.52 9.31 4.89
C MSE B 123 11.23 9.23 5.69
O MSE B 123 10.92 8.21 6.28
CB MSE B 123 13.61 9.98 5.72
CG MSE B 123 14.92 9.92 5.00
SE MSE B 123 15.74 8.26 5.50
CE MSE B 123 16.49 9.10 7.12
N ALA B 124 10.49 10.33 5.70
CA ALA B 124 9.23 10.40 6.41
C ALA B 124 8.21 9.44 5.82
N GLN B 125 8.13 9.40 4.49
CA GLN B 125 7.20 8.49 3.85
C GLN B 125 7.64 7.03 4.00
N ALA B 126 8.93 6.77 3.87
CA ALA B 126 9.43 5.42 4.11
C ALA B 126 9.12 4.92 5.52
N ARG B 127 9.30 5.80 6.52
CA ARG B 127 9.07 5.41 7.90
C ARG B 127 7.61 5.03 8.18
N GLN B 128 6.70 5.81 7.62
CA GLN B 128 5.27 5.53 7.71
C GLN B 128 4.93 4.16 7.14
N VAL B 129 5.36 3.89 5.92
CA VAL B 129 5.05 2.60 5.29
C VAL B 129 5.70 1.42 6.01
N ILE B 130 6.94 1.58 6.44
CA ILE B 130 7.64 0.50 7.11
C ILE B 130 6.97 0.14 8.43
N GLY B 131 6.53 1.17 9.15
CA GLY B 131 5.79 0.96 10.39
C GLY B 131 4.54 0.11 10.14
N GLN B 132 3.82 0.40 9.07
CA GLN B 132 2.66 -0.44 8.70
C GLN B 132 3.11 -1.84 8.28
N LEU B 133 4.18 -1.92 7.50
CA LEU B 133 4.71 -3.20 7.04
C LEU B 133 5.14 -4.08 8.21
N GLU B 134 5.79 -3.48 9.20
CA GLU B 134 6.25 -4.23 10.37
C GLU B 134 5.07 -4.91 11.07
N HIS B 135 4.01 -4.15 11.28
CA HIS B 135 2.81 -4.70 11.87
C HIS B 135 2.23 -5.87 11.05
N GLU B 136 1.91 -5.61 9.78
CA GLU B 136 1.25 -6.61 8.93
C GLU B 136 2.05 -7.90 8.76
N SER B 137 3.36 -7.78 8.54
CA SER B 137 4.18 -8.93 8.22
C SER B 137 4.40 -9.82 9.44
N SER B 138 4.02 -9.33 10.61
CA SER B 138 4.21 -10.08 11.86
C SER B 138 2.92 -10.53 12.55
N GLN B 139 1.80 -10.53 11.83
CA GLN B 139 0.55 -11.01 12.44
C GLN B 139 -0.19 -11.99 11.56
N HIS B 140 -1.09 -12.77 12.17
CA HIS B 140 -1.85 -13.77 11.42
C HIS B 140 -3.34 -13.50 11.45
N VAL B 141 -3.73 -12.34 10.91
CA VAL B 141 -5.11 -11.93 10.80
C VAL B 141 -5.43 -11.95 9.30
N PRO B 142 -6.72 -11.92 8.93
CA PRO B 142 -7.09 -11.94 7.50
C PRO B 142 -6.34 -10.93 6.64
N PHE B 143 -5.83 -11.42 5.51
CA PHE B 143 -5.17 -10.62 4.48
C PHE B 143 -3.84 -9.98 4.89
N ALA B 144 -3.26 -10.43 5.99
CA ALA B 144 -1.98 -9.88 6.44
C ALA B 144 -0.86 -10.09 5.42
N ASN B 145 -0.82 -11.27 4.81
CA ASN B 145 0.23 -11.58 3.84
C ASN B 145 0.08 -10.70 2.63
N GLU B 146 -1.15 -10.59 2.14
CA GLU B 146 -1.45 -9.71 1.03
C GLU B 146 -1.10 -8.26 1.36
N MSE B 147 -1.48 -7.79 2.55
CA MSE B 147 -1.17 -6.42 2.97
C MSE B 147 0.33 -6.19 3.01
O MSE B 147 0.81 -5.13 2.59
CB MSE B 147 -1.78 -6.10 4.35
CG MSE B 147 -3.29 -5.91 4.32
SE MSE B 147 -3.75 -4.23 3.41
CE MSE B 147 -2.81 -2.99 4.57
N ALA B 148 1.09 -7.15 3.54
CA ALA B 148 2.55 -7.00 3.61
C ALA B 148 3.16 -6.81 2.22
N GLU B 149 2.72 -7.62 1.24
CA GLU B 149 3.20 -7.47 -0.13
C GLU B 149 2.80 -6.14 -0.73
N LEU B 150 1.56 -5.71 -0.49
CA LEU B 150 1.10 -4.43 -1.03
C LEU B 150 1.89 -3.27 -0.45
N LEU B 151 2.18 -3.36 0.85
CA LEU B 151 2.95 -2.33 1.55
C LEU B 151 4.42 -2.34 1.12
N PHE B 152 4.99 -3.54 0.94
CA PHE B 152 6.35 -3.66 0.41
C PHE B 152 6.43 -3.04 -0.98
N GLY B 153 5.42 -3.34 -1.82
CA GLY B 153 5.33 -2.72 -3.13
C GLY B 153 5.28 -1.19 -3.06
N GLN B 154 4.48 -0.67 -2.14
CA GLN B 154 4.43 0.79 -1.97
C GLN B 154 5.79 1.34 -1.53
N LEU B 155 6.44 0.63 -0.62
CA LEU B 155 7.73 1.08 -0.10
C LEU B 155 8.74 1.14 -1.24
N VAL B 156 8.79 0.07 -2.01
CA VAL B 156 9.79 -0.07 -3.05
C VAL B 156 9.57 0.99 -4.13
N MSE B 157 8.31 1.31 -4.43
CA MSE B 157 8.04 2.36 -5.38
C MSE B 157 8.37 3.76 -4.85
O MSE B 157 8.88 4.61 -5.58
CB MSE B 157 6.60 2.30 -5.87
CG MSE B 157 6.39 1.19 -6.90
SE MSE B 157 4.58 1.29 -7.54
CE MSE B 157 4.77 2.91 -8.61
N LEU B 158 8.10 3.97 -3.56
CA LEU B 158 8.44 5.26 -2.90
C LEU B 158 9.94 5.48 -2.85
N LEU B 159 10.69 4.41 -2.60
CA LEU B 159 12.14 4.50 -2.58
C LEU B 159 12.64 4.87 -3.97
N ASN B 160 12.09 4.19 -4.98
CA ASN B 160 12.45 4.48 -6.36
C ASN B 160 12.18 5.95 -6.68
N ARG B 161 11.06 6.45 -6.19
CA ARG B 161 10.69 7.86 -6.41
C ARG B 161 11.62 8.88 -5.75
N HIS B 162 12.05 8.59 -4.52
CA HIS B 162 12.78 9.58 -3.73
C HIS B 162 14.29 9.41 -3.65
N ARG B 163 14.81 8.22 -3.94
CA ARG B 163 16.25 7.99 -3.80
C ARG B 163 17.08 8.76 -4.83
N TYR B 164 18.31 9.07 -4.46
CA TYR B 164 19.29 9.67 -5.36
C TYR B 164 20.68 9.20 -4.95
N THR B 165 21.68 9.40 -5.81
CA THR B 165 23.03 8.95 -5.48
C THR B 165 23.82 10.00 -4.71
NI NI C . -23.10 6.97 -8.08
C1 RM4 D . -21.85 11.99 -7.28
C2 RM4 D . -22.58 10.93 -6.53
C3 RM4 D . -22.60 9.67 -7.28
C4 RM4 D . -21.28 9.22 -7.76
C5 RM4 D . -20.53 10.32 -8.46
C6 RM4 D . -19.13 9.92 -8.66
O1 RM4 D . -21.74 13.10 -6.54
O2 RM4 D . -21.98 10.74 -5.25
O3 RM4 D . -23.18 8.61 -6.51
O4 RM4 D . -21.46 8.10 -8.60
O5 RM4 D . -20.52 11.54 -7.70
NI NI E . 23.02 -8.69 5.74
C1 RM4 F . 21.96 -8.46 10.99
C2 RM4 F . 22.73 -7.65 10.00
C3 RM4 F . 22.74 -8.26 8.68
C4 RM4 F . 21.42 -8.65 8.19
C5 RM4 F . 20.71 -9.50 9.20
C6 RM4 F . 19.37 -9.86 8.71
O1 RM4 F . 21.87 -7.78 12.15
O2 RM4 F . 22.19 -6.35 9.95
O3 RM4 F . 23.30 -7.36 7.73
O4 RM4 F . 21.63 -9.39 7.02
O5 RM4 F . 20.63 -8.80 10.47
#